data_2J4A
#
_entry.id   2J4A
#
_cell.length_a   77.212
_cell.length_b   107.422
_cell.length_c   67.208
_cell.angle_alpha   90.00
_cell.angle_beta   90.00
_cell.angle_gamma   90.00
#
_symmetry.space_group_name_H-M   'C 2 2 21'
#
loop_
_entity.id
_entity.type
_entity.pdbx_description
1 polymer 'THYROID HORMONE RECEPTOR BETA-1'
2 non-polymer '3,5-DIBROMO-4-(3-ISOPROPYL-PHENOXY)BENZOIC ACID'
3 water water
#
_entity_poly.entity_id   1
_entity_poly.type   'polypeptide(L)'
_entity_poly.pdbx_seq_one_letter_code
;GHKPEPTDEEWELIKTVTEAHVATNAQGSHWKQKRKFLPEDIGQAPIVNAPEGGKVDLEAFSHFTKIITPAITRVVDFAK
KLPMFCELPCEDQIILLKGCCMEIMSLRAAVRYDPESETLTLSGEMAVTRGQLKNGGLGVVSDAIFDLGMSLSSFNLDDT
EVALLQAVLLMSSDRPGLACVERIEKYQDSFLLAFEHYINYRKHHVTHFWPKLLMKVTDLRMIGACHASRFLHMKVECPT
ELFPPLFLEVFED
;
_entity_poly.pdbx_strand_id   A
#
loop_
_chem_comp.id
_chem_comp.type
_chem_comp.name
_chem_comp.formula
OEF non-polymer '3,5-DIBROMO-4-(3-ISOPROPYL-PHENOXY)BENZOIC ACID' 'C18 H18 Br2 O4'
#
# COMPACT_ATOMS: atom_id res chain seq x y z
N LYS A 3 27.43 2.63 -13.11
CA LYS A 3 26.01 2.84 -12.68
C LYS A 3 25.18 3.31 -13.86
N PRO A 4 24.66 2.35 -14.65
CA PRO A 4 23.84 2.64 -15.82
C PRO A 4 22.50 3.31 -15.50
N GLU A 5 22.09 4.22 -16.37
CA GLU A 5 20.82 4.90 -16.19
C GLU A 5 19.83 4.14 -17.08
N PRO A 6 18.53 4.44 -16.97
CA PRO A 6 17.59 3.70 -17.81
C PRO A 6 17.75 3.79 -19.33
N THR A 7 17.55 2.64 -19.99
CA THR A 7 17.63 2.54 -21.45
C THR A 7 16.39 3.22 -22.01
N ASP A 8 16.32 3.36 -23.33
CA ASP A 8 15.17 4.01 -23.94
C ASP A 8 13.90 3.20 -23.74
N GLU A 9 14.05 1.89 -23.70
CA GLU A 9 12.90 1.02 -23.50
C GLU A 9 12.44 1.09 -22.05
N GLU A 10 13.38 1.26 -21.13
CA GLU A 10 13.05 1.35 -19.72
C GLU A 10 12.32 2.66 -19.41
N TRP A 11 12.70 3.74 -20.09
CA TRP A 11 12.04 5.02 -19.88
C TRP A 11 10.57 4.89 -20.28
N GLU A 12 10.32 4.13 -21.35
CA GLU A 12 8.96 3.90 -21.82
C GLU A 12 8.16 3.20 -20.73
N LEU A 13 8.78 2.18 -20.14
CA LEU A 13 8.16 1.43 -19.06
C LEU A 13 7.91 2.36 -17.87
N ILE A 14 8.95 3.12 -17.50
CA ILE A 14 8.89 4.06 -16.40
C ILE A 14 7.75 5.05 -16.58
N LYS A 15 7.65 5.62 -17.78
CA LYS A 15 6.59 6.58 -18.10
C LYS A 15 5.23 5.90 -17.93
N THR A 16 5.13 4.65 -18.39
CA THR A 16 3.89 3.89 -18.28
C THR A 16 3.45 3.68 -16.83
N VAL A 17 4.33 3.12 -16.00
CA VAL A 17 3.96 2.87 -14.60
C VAL A 17 3.71 4.14 -13.81
N THR A 18 4.51 5.16 -14.06
CA THR A 18 4.35 6.41 -13.35
C THR A 18 2.97 7.03 -13.62
N GLU A 19 2.64 7.16 -14.90
CA GLU A 19 1.35 7.74 -15.28
C GLU A 19 0.21 6.89 -14.72
N ALA A 20 0.40 5.58 -14.76
CA ALA A 20 -0.59 4.65 -14.26
C ALA A 20 -0.84 4.94 -12.78
N HIS A 21 0.24 5.13 -12.04
CA HIS A 21 0.17 5.41 -10.61
C HIS A 21 -0.45 6.76 -10.34
N VAL A 22 0.07 7.78 -11.00
CA VAL A 22 -0.41 9.14 -10.83
C VAL A 22 -1.91 9.21 -11.07
N ALA A 23 -2.37 8.55 -12.12
CA ALA A 23 -3.79 8.55 -12.47
C ALA A 23 -4.67 7.82 -11.45
N THR A 24 -4.07 6.98 -10.61
CA THR A 24 -4.86 6.23 -9.64
C THR A 24 -4.47 6.49 -8.20
N ASN A 25 -3.64 7.51 -7.97
CA ASN A 25 -3.20 7.83 -6.63
C ASN A 25 -3.98 8.94 -5.95
N ALA A 26 -5.09 9.35 -6.55
CA ALA A 26 -5.94 10.40 -5.98
C ALA A 26 -5.13 11.59 -5.46
N GLN A 27 -4.34 12.22 -6.32
CA GLN A 27 -3.52 13.36 -5.90
C GLN A 27 -3.61 14.59 -6.79
N GLY A 28 -4.77 14.85 -7.38
CA GLY A 28 -4.93 16.02 -8.22
C GLY A 28 -4.85 17.25 -7.34
N SER A 29 -5.68 17.26 -6.30
CA SER A 29 -5.72 18.36 -5.32
C SER A 29 -4.99 17.78 -4.11
N HIS A 30 -3.69 18.03 -4.04
CA HIS A 30 -2.84 17.52 -2.97
C HIS A 30 -3.34 17.40 -1.53
N TRP A 31 -3.18 16.18 -1.03
CA TRP A 31 -3.60 15.75 0.30
C TRP A 31 -3.38 16.68 1.49
N LYS A 32 -2.19 17.28 1.59
CA LYS A 32 -1.92 18.17 2.72
C LYS A 32 -3.06 19.16 2.92
N GLN A 33 -3.61 19.64 1.81
CA GLN A 33 -4.69 20.61 1.84
C GLN A 33 -6.10 19.98 1.91
N LYS A 34 -6.29 18.90 1.16
CA LYS A 34 -7.58 18.22 1.10
C LYS A 34 -7.95 17.36 2.31
N ARG A 35 -6.95 16.91 3.06
CA ARG A 35 -7.21 16.04 4.21
C ARG A 35 -8.05 16.62 5.34
N LYS A 36 -8.89 15.76 5.90
CA LYS A 36 -9.73 16.07 7.04
C LYS A 36 -9.21 15.12 8.11
N PHE A 37 -9.08 15.61 9.34
CA PHE A 37 -8.59 14.75 10.39
C PHE A 37 -9.75 14.02 11.08
N LEU A 38 -9.66 12.70 11.12
CA LEU A 38 -10.67 11.89 11.76
C LEU A 38 -10.73 12.39 13.21
N PRO A 39 -11.92 12.87 13.66
CA PRO A 39 -12.10 13.37 15.03
C PRO A 39 -11.40 12.49 16.08
N GLU A 40 -10.62 13.13 16.95
CA GLU A 40 -9.91 12.39 17.98
C GLU A 40 -10.83 11.51 18.81
N ASP A 41 -12.09 11.91 18.88
CA ASP A 41 -13.09 11.17 19.65
C ASP A 41 -13.18 9.73 19.15
N ILE A 42 -13.12 9.57 17.83
CA ILE A 42 -13.20 8.27 17.19
C ILE A 42 -11.93 7.46 17.43
N GLY A 43 -12.11 6.26 17.98
CA GLY A 43 -10.98 5.40 18.29
C GLY A 43 -10.55 5.57 19.73
N GLN A 44 -11.12 6.57 20.39
CA GLN A 44 -10.79 6.87 21.78
C GLN A 44 -11.51 5.96 22.78
N ALA A 45 -10.73 5.29 23.62
CA ALA A 45 -11.27 4.38 24.62
C ALA A 45 -11.85 5.14 25.80
N PRO A 46 -13.13 4.87 26.13
CA PRO A 46 -13.78 5.56 27.25
C PRO A 46 -13.18 5.19 28.60
N ILE A 47 -12.87 3.90 28.79
CA ILE A 47 -12.30 3.42 30.04
C ILE A 47 -10.84 3.04 29.85
N VAL A 48 -9.96 3.91 30.33
CA VAL A 48 -8.51 3.75 30.24
C VAL A 48 -7.97 2.43 30.75
N ASN A 49 -8.47 1.98 31.90
CA ASN A 49 -7.98 0.76 32.51
C ASN A 49 -8.55 -0.56 32.03
N ALA A 50 -9.41 -0.53 31.02
CA ALA A 50 -9.95 -1.78 30.50
C ALA A 50 -8.89 -2.29 29.53
N PRO A 51 -8.52 -3.59 29.64
CA PRO A 51 -7.50 -4.16 28.75
C PRO A 51 -7.84 -3.99 27.28
N GLU A 52 -6.82 -3.65 26.49
CA GLU A 52 -6.97 -3.46 25.06
C GLU A 52 -7.09 -4.78 24.31
N GLY A 53 -6.33 -5.78 24.76
CA GLY A 53 -6.36 -7.09 24.12
C GLY A 53 -6.38 -6.97 22.61
N GLY A 54 -7.16 -7.83 21.96
CA GLY A 54 -7.25 -7.78 20.51
C GLY A 54 -8.58 -7.23 20.01
N LYS A 55 -9.25 -6.46 20.84
CA LYS A 55 -10.55 -5.88 20.51
C LYS A 55 -10.53 -4.86 19.36
N VAL A 56 -11.69 -4.63 18.77
CA VAL A 56 -11.80 -3.70 17.66
C VAL A 56 -12.82 -2.60 17.94
N ASP A 57 -12.40 -1.34 17.77
CA ASP A 57 -13.30 -0.21 17.94
C ASP A 57 -14.20 -0.27 16.71
N LEU A 58 -15.46 -0.66 16.90
CA LEU A 58 -16.40 -0.79 15.79
C LEU A 58 -16.74 0.52 15.06
N GLU A 59 -16.73 1.65 15.79
CA GLU A 59 -17.02 2.92 15.16
C GLU A 59 -15.85 3.27 14.23
N ALA A 60 -14.62 3.11 14.73
CA ALA A 60 -13.45 3.39 13.91
C ALA A 60 -13.49 2.42 12.71
N PHE A 61 -13.73 1.15 13.01
CA PHE A 61 -13.79 0.13 11.97
C PHE A 61 -14.76 0.53 10.86
N SER A 62 -15.90 1.07 11.25
CA SER A 62 -16.92 1.48 10.30
C SER A 62 -16.42 2.57 9.34
N HIS A 63 -15.71 3.56 9.86
CA HIS A 63 -15.17 4.61 9.02
C HIS A 63 -14.12 4.09 8.05
N PHE A 64 -13.34 3.12 8.49
CA PHE A 64 -12.29 2.55 7.65
C PHE A 64 -12.80 1.69 6.50
N THR A 65 -13.81 0.87 6.75
CA THR A 65 -14.32 0.03 5.69
C THR A 65 -15.08 0.85 4.68
N LYS A 66 -15.49 2.05 5.09
CA LYS A 66 -16.20 2.95 4.21
C LYS A 66 -15.25 3.54 3.17
N ILE A 67 -14.06 3.96 3.60
CA ILE A 67 -13.09 4.54 2.68
C ILE A 67 -12.22 3.49 1.99
N ILE A 68 -12.12 2.30 2.55
CA ILE A 68 -11.27 1.29 1.95
C ILE A 68 -11.70 0.77 0.56
N THR A 69 -13.00 0.73 0.28
CA THR A 69 -13.41 0.20 -1.02
C THR A 69 -12.95 1.04 -2.22
N PRO A 70 -13.06 2.37 -2.15
CA PRO A 70 -12.59 3.15 -3.30
C PRO A 70 -11.06 3.06 -3.43
N ALA A 71 -10.40 2.77 -2.31
CA ALA A 71 -8.94 2.65 -2.30
C ALA A 71 -8.53 1.34 -2.97
N ILE A 72 -9.31 0.30 -2.71
CA ILE A 72 -9.05 -1.01 -3.28
C ILE A 72 -9.20 -0.95 -4.79
N THR A 73 -10.23 -0.26 -5.23
CA THR A 73 -10.53 -0.11 -6.65
C THR A 73 -9.41 0.65 -7.35
N ARG A 74 -8.77 1.60 -6.67
CA ARG A 74 -7.69 2.33 -7.31
C ARG A 74 -6.47 1.44 -7.52
N VAL A 75 -6.27 0.46 -6.64
CA VAL A 75 -5.15 -0.48 -6.81
C VAL A 75 -5.42 -1.31 -8.07
N VAL A 76 -6.67 -1.75 -8.22
CA VAL A 76 -7.06 -2.54 -9.38
C VAL A 76 -6.89 -1.74 -10.67
N ASP A 77 -7.35 -0.49 -10.67
CA ASP A 77 -7.22 0.35 -11.85
C ASP A 77 -5.75 0.57 -12.19
N PHE A 78 -4.92 0.70 -11.15
CA PHE A 78 -3.48 0.87 -11.37
C PHE A 78 -2.95 -0.33 -12.14
N ALA A 79 -3.21 -1.52 -11.62
CA ALA A 79 -2.74 -2.75 -12.27
C ALA A 79 -3.30 -2.85 -13.68
N LYS A 80 -4.58 -2.53 -13.83
CA LYS A 80 -5.24 -2.60 -15.12
C LYS A 80 -4.73 -1.57 -16.12
N LYS A 81 -3.86 -0.68 -15.69
CA LYS A 81 -3.29 0.31 -16.61
C LYS A 81 -1.94 -0.18 -17.11
N LEU A 82 -1.51 -1.34 -16.62
CA LEU A 82 -0.23 -1.89 -17.04
C LEU A 82 -0.45 -2.99 -18.09
N PRO A 83 0.07 -2.77 -19.32
CA PRO A 83 -0.05 -3.73 -20.43
C PRO A 83 0.35 -5.14 -20.04
N MET A 84 1.50 -5.26 -19.37
CA MET A 84 2.01 -6.54 -18.92
C MET A 84 0.97 -7.27 -18.07
N PHE A 85 0.40 -6.56 -17.09
CA PHE A 85 -0.60 -7.14 -16.21
C PHE A 85 -1.84 -7.58 -16.96
N CYS A 86 -2.38 -6.68 -17.78
CA CYS A 86 -3.60 -6.94 -18.54
C CYS A 86 -3.53 -8.21 -19.38
N GLU A 87 -2.35 -8.57 -19.85
CA GLU A 87 -2.22 -9.78 -20.67
C GLU A 87 -2.09 -11.07 -19.87
N LEU A 88 -2.11 -10.97 -18.55
CA LEU A 88 -2.03 -12.16 -17.70
C LEU A 88 -3.42 -12.78 -17.64
N PRO A 89 -3.49 -14.10 -17.43
CA PRO A 89 -4.80 -14.76 -17.36
C PRO A 89 -5.56 -14.16 -16.18
N CYS A 90 -6.87 -14.06 -16.29
CA CYS A 90 -7.69 -13.49 -15.22
C CYS A 90 -7.42 -14.15 -13.85
N GLU A 91 -7.27 -15.47 -13.83
CA GLU A 91 -7.01 -16.19 -12.58
C GLU A 91 -5.74 -15.67 -11.89
N ASP A 92 -4.70 -15.39 -12.67
CA ASP A 92 -3.47 -14.87 -12.12
C ASP A 92 -3.66 -13.42 -11.68
N GLN A 93 -4.41 -12.66 -12.47
CA GLN A 93 -4.67 -11.26 -12.13
C GLN A 93 -5.31 -11.17 -10.75
N ILE A 94 -6.29 -12.05 -10.52
CA ILE A 94 -6.98 -12.09 -9.24
C ILE A 94 -6.01 -12.39 -8.10
N ILE A 95 -5.21 -13.43 -8.27
CA ILE A 95 -4.24 -13.80 -7.23
C ILE A 95 -3.22 -12.69 -6.95
N LEU A 96 -2.72 -12.03 -7.99
CA LEU A 96 -1.76 -10.96 -7.79
C LEU A 96 -2.39 -9.78 -7.05
N LEU A 97 -3.65 -9.48 -7.35
CA LEU A 97 -4.33 -8.36 -6.71
C LEU A 97 -4.64 -8.65 -5.25
N LYS A 98 -5.13 -9.86 -4.97
CA LYS A 98 -5.41 -10.21 -3.59
C LYS A 98 -4.11 -10.21 -2.80
N GLY A 99 -3.01 -10.54 -3.47
CA GLY A 99 -1.71 -10.60 -2.81
C GLY A 99 -1.02 -9.26 -2.54
N CYS A 100 -1.14 -8.29 -3.43
CA CYS A 100 -0.49 -6.99 -3.25
C CYS A 100 -1.40 -5.84 -2.86
N CYS A 101 -2.71 -6.06 -2.82
CA CYS A 101 -3.63 -4.97 -2.50
C CYS A 101 -3.27 -4.18 -1.24
N MET A 102 -3.15 -4.87 -0.11
CA MET A 102 -2.81 -4.21 1.15
C MET A 102 -1.40 -3.63 1.11
N GLU A 103 -0.49 -4.31 0.42
CA GLU A 103 0.90 -3.87 0.30
C GLU A 103 0.98 -2.51 -0.37
N ILE A 104 0.22 -2.34 -1.45
CA ILE A 104 0.20 -1.10 -2.19
C ILE A 104 -0.54 0.00 -1.44
N MET A 105 -1.68 -0.32 -0.84
CA MET A 105 -2.43 0.68 -0.10
C MET A 105 -1.63 1.19 1.11
N SER A 106 -0.90 0.30 1.75
CA SER A 106 -0.09 0.66 2.91
C SER A 106 1.05 1.60 2.47
N LEU A 107 1.63 1.33 1.30
CA LEU A 107 2.70 2.18 0.77
C LEU A 107 2.13 3.59 0.49
N ARG A 108 0.97 3.63 -0.15
CA ARG A 108 0.32 4.89 -0.51
C ARG A 108 -0.03 5.72 0.73
N ALA A 109 -0.33 5.06 1.83
CA ALA A 109 -0.64 5.77 3.06
C ALA A 109 0.68 6.21 3.76
N ALA A 110 1.66 5.31 3.73
CA ALA A 110 2.96 5.53 4.37
C ALA A 110 3.74 6.72 3.80
N VAL A 111 3.63 6.94 2.48
CA VAL A 111 4.33 8.06 1.87
C VAL A 111 3.63 9.38 2.21
N ARG A 112 2.42 9.29 2.77
CA ARG A 112 1.68 10.48 3.17
C ARG A 112 1.70 10.65 4.69
N TYR A 113 2.77 10.19 5.32
CA TYR A 113 2.90 10.34 6.76
C TYR A 113 3.24 11.79 7.05
N ASP A 114 2.63 12.35 8.09
CA ASP A 114 2.88 13.73 8.49
C ASP A 114 3.43 13.75 9.91
N PRO A 115 4.72 14.12 10.08
CA PRO A 115 5.35 14.18 11.41
C PRO A 115 4.76 15.24 12.33
N GLU A 116 4.20 16.29 11.73
CA GLU A 116 3.59 17.37 12.51
C GLU A 116 2.44 16.79 13.33
N SER A 117 1.41 16.31 12.65
CA SER A 117 0.25 15.73 13.33
C SER A 117 0.44 14.25 13.67
N GLU A 118 1.45 13.62 13.09
CA GLU A 118 1.70 12.21 13.34
C GLU A 118 0.53 11.39 12.81
N THR A 119 0.11 11.68 11.58
CA THR A 119 -0.98 10.95 10.98
C THR A 119 -0.58 10.43 9.60
N LEU A 120 -1.32 9.42 9.15
CA LEU A 120 -1.15 8.88 7.82
C LEU A 120 -2.41 9.40 7.15
N THR A 121 -2.31 9.86 5.91
CA THR A 121 -3.49 10.34 5.22
C THR A 121 -3.91 9.25 4.26
N LEU A 122 -5.12 8.72 4.47
CA LEU A 122 -5.67 7.66 3.64
C LEU A 122 -6.42 8.24 2.45
N SER A 123 -6.13 7.71 1.27
CA SER A 123 -6.76 8.16 0.03
C SER A 123 -6.64 9.67 -0.13
N GLY A 124 -5.69 10.26 0.57
CA GLY A 124 -5.49 11.69 0.50
C GLY A 124 -6.67 12.50 1.01
N GLU A 125 -7.55 11.86 1.78
CA GLU A 125 -8.74 12.53 2.31
C GLU A 125 -8.95 12.42 3.82
N MET A 126 -8.53 11.31 4.42
CA MET A 126 -8.70 11.11 5.86
C MET A 126 -7.36 10.88 6.57
N ALA A 127 -7.05 11.76 7.52
CA ALA A 127 -5.81 11.63 8.28
C ALA A 127 -6.13 10.97 9.61
N VAL A 128 -5.44 9.88 9.91
CA VAL A 128 -5.67 9.15 11.13
C VAL A 128 -4.38 8.95 11.92
N THR A 129 -4.51 8.80 13.23
CA THR A 129 -3.36 8.60 14.09
C THR A 129 -3.07 7.10 14.23
N ARG A 130 -1.93 6.80 14.83
CA ARG A 130 -1.50 5.43 15.06
C ARG A 130 -2.58 4.69 15.85
N GLY A 131 -3.02 5.28 16.96
CA GLY A 131 -4.04 4.67 17.78
C GLY A 131 -5.37 4.40 17.09
N GLN A 132 -5.83 5.37 16.30
CA GLN A 132 -7.09 5.23 15.59
C GLN A 132 -7.08 4.03 14.65
N LEU A 133 -6.04 3.97 13.82
CA LEU A 133 -5.90 2.87 12.87
C LEU A 133 -5.64 1.55 13.61
N LYS A 134 -4.89 1.63 14.71
CA LYS A 134 -4.58 0.44 15.52
C LYS A 134 -5.85 -0.15 16.15
N ASN A 135 -6.57 0.68 16.91
CA ASN A 135 -7.78 0.25 17.59
C ASN A 135 -8.90 -0.06 16.61
N GLY A 136 -8.90 0.66 15.49
CA GLY A 136 -9.91 0.48 14.46
C GLY A 136 -9.88 -0.85 13.74
N GLY A 137 -8.90 -1.68 14.04
CA GLY A 137 -8.84 -2.98 13.38
C GLY A 137 -7.50 -3.52 12.94
N LEU A 138 -6.53 -2.66 12.68
CA LEU A 138 -5.24 -3.17 12.21
C LEU A 138 -4.34 -3.74 13.30
N GLY A 139 -4.52 -3.32 14.55
CA GLY A 139 -3.67 -3.83 15.60
C GLY A 139 -2.24 -3.40 15.33
N VAL A 140 -1.28 -4.31 15.53
CA VAL A 140 0.12 -3.98 15.31
C VAL A 140 0.49 -3.64 13.87
N VAL A 141 -0.38 -3.98 12.91
CA VAL A 141 -0.08 -3.65 11.52
C VAL A 141 -0.03 -2.13 11.37
N SER A 142 -0.85 -1.43 12.15
CA SER A 142 -0.86 0.01 12.13
C SER A 142 0.53 0.50 12.53
N ASP A 143 1.05 -0.07 13.61
CA ASP A 143 2.40 0.29 14.07
C ASP A 143 3.43 0.07 12.97
N ALA A 144 3.30 -1.03 12.23
CA ALA A 144 4.23 -1.33 11.15
C ALA A 144 4.16 -0.28 10.06
N ILE A 145 2.93 0.09 9.68
CA ILE A 145 2.74 1.08 8.63
C ILE A 145 3.25 2.47 9.05
N PHE A 146 2.99 2.87 10.30
CA PHE A 146 3.45 4.17 10.78
C PHE A 146 4.97 4.21 10.89
N ASP A 147 5.57 3.14 11.36
CA ASP A 147 7.03 3.08 11.47
C ASP A 147 7.63 3.16 10.06
N LEU A 148 6.97 2.53 9.10
CA LEU A 148 7.45 2.56 7.73
C LEU A 148 7.30 3.99 7.19
N GLY A 149 6.18 4.63 7.50
CA GLY A 149 5.96 5.98 7.05
C GLY A 149 7.04 6.91 7.57
N MET A 150 7.32 6.79 8.86
CA MET A 150 8.33 7.60 9.50
C MET A 150 9.69 7.42 8.82
N SER A 151 9.99 6.16 8.50
CA SER A 151 11.25 5.79 7.87
C SER A 151 11.41 6.28 6.43
N LEU A 152 10.31 6.38 5.70
CA LEU A 152 10.35 6.81 4.32
C LEU A 152 10.52 8.32 4.15
N SER A 153 10.07 9.07 5.14
CA SER A 153 10.14 10.53 5.11
C SER A 153 11.45 11.12 4.59
N SER A 154 12.57 10.46 4.89
CA SER A 154 13.87 10.94 4.45
C SER A 154 14.25 10.50 3.03
N PHE A 155 13.58 9.48 2.51
CA PHE A 155 13.89 8.97 1.19
C PHE A 155 13.55 9.91 0.02
N ASN A 156 12.56 10.77 0.21
CA ASN A 156 12.20 11.73 -0.85
C ASN A 156 11.66 11.06 -2.12
N LEU A 157 11.07 9.87 -1.96
CA LEU A 157 10.53 9.12 -3.10
C LEU A 157 9.60 9.93 -4.00
N ASP A 158 9.87 9.94 -5.30
CA ASP A 158 9.00 10.65 -6.21
C ASP A 158 7.93 9.70 -6.75
N ASP A 159 7.04 10.23 -7.57
CA ASP A 159 5.95 9.43 -8.14
C ASP A 159 6.43 8.23 -8.93
N THR A 160 7.59 8.37 -9.57
CA THR A 160 8.13 7.26 -10.34
C THR A 160 8.61 6.14 -9.44
N GLU A 161 9.32 6.50 -8.38
CA GLU A 161 9.85 5.52 -7.44
C GLU A 161 8.75 4.79 -6.67
N VAL A 162 7.67 5.51 -6.34
CA VAL A 162 6.55 4.90 -5.63
C VAL A 162 5.85 3.94 -6.60
N ALA A 163 5.62 4.41 -7.82
CA ALA A 163 4.99 3.63 -8.87
C ALA A 163 5.76 2.34 -9.16
N LEU A 164 7.09 2.43 -9.17
CA LEU A 164 7.94 1.28 -9.44
C LEU A 164 7.90 0.28 -8.29
N LEU A 165 7.81 0.77 -7.07
CA LEU A 165 7.71 -0.10 -5.90
C LEU A 165 6.40 -0.88 -6.02
N GLN A 166 5.35 -0.17 -6.41
CA GLN A 166 4.03 -0.78 -6.57
C GLN A 166 4.03 -1.90 -7.63
N ALA A 167 4.75 -1.68 -8.73
CA ALA A 167 4.84 -2.67 -9.80
C ALA A 167 5.60 -3.91 -9.30
N VAL A 168 6.70 -3.69 -8.58
CA VAL A 168 7.50 -4.78 -8.04
C VAL A 168 6.66 -5.67 -7.12
N LEU A 169 5.83 -5.06 -6.27
CA LEU A 169 4.97 -5.79 -5.35
C LEU A 169 3.85 -6.49 -6.14
N LEU A 170 3.33 -5.83 -7.16
CA LEU A 170 2.28 -6.39 -7.99
C LEU A 170 2.73 -7.67 -8.69
N MET A 171 3.91 -7.62 -9.30
CA MET A 171 4.44 -8.76 -10.04
C MET A 171 5.27 -9.75 -9.21
N SER A 172 4.66 -10.30 -8.17
CA SER A 172 5.32 -11.26 -7.29
C SER A 172 4.95 -12.69 -7.68
N SER A 173 5.89 -13.40 -8.28
CA SER A 173 5.63 -14.77 -8.72
C SER A 173 5.49 -15.81 -7.61
N ASP A 174 5.72 -15.41 -6.37
CA ASP A 174 5.61 -16.36 -5.27
C ASP A 174 4.21 -16.51 -4.66
N ARG A 175 3.23 -15.76 -5.17
CA ARG A 175 1.87 -15.88 -4.65
C ARG A 175 1.40 -17.30 -4.93
N PRO A 176 0.76 -17.94 -3.95
CA PRO A 176 0.25 -19.30 -4.10
C PRO A 176 -0.81 -19.48 -5.20
N GLY A 177 -0.62 -20.47 -6.07
CA GLY A 177 -1.59 -20.74 -7.11
C GLY A 177 -1.41 -20.11 -8.48
N LEU A 178 -0.37 -19.29 -8.64
CA LEU A 178 -0.13 -18.64 -9.93
C LEU A 178 0.16 -19.62 -11.06
N ALA A 179 -0.30 -19.27 -12.25
CA ALA A 179 -0.06 -20.10 -13.42
C ALA A 179 1.17 -19.65 -14.20
N CYS A 180 1.21 -18.37 -14.54
CA CYS A 180 2.33 -17.83 -15.31
C CYS A 180 3.47 -17.30 -14.45
N VAL A 181 4.02 -18.17 -13.62
CA VAL A 181 5.13 -17.81 -12.74
C VAL A 181 6.32 -17.20 -13.48
N GLU A 182 6.76 -17.86 -14.54
CA GLU A 182 7.89 -17.38 -15.32
C GLU A 182 7.66 -15.98 -15.90
N ARG A 183 6.53 -15.83 -16.56
CA ARG A 183 6.16 -14.56 -17.17
C ARG A 183 6.10 -13.43 -16.13
N ILE A 184 5.50 -13.71 -14.99
CA ILE A 184 5.37 -12.70 -13.93
C ILE A 184 6.74 -12.31 -13.35
N GLU A 185 7.61 -13.29 -13.20
CA GLU A 185 8.93 -13.04 -12.65
C GLU A 185 9.73 -12.20 -13.66
N LYS A 186 9.59 -12.51 -14.94
CA LYS A 186 10.29 -11.77 -15.99
C LYS A 186 9.84 -10.31 -15.97
N TYR A 187 8.55 -10.08 -15.72
CA TYR A 187 8.03 -8.72 -15.65
C TYR A 187 8.62 -7.99 -14.44
N GLN A 188 8.69 -8.69 -13.32
CA GLN A 188 9.24 -8.09 -12.11
C GLN A 188 10.69 -7.74 -12.33
N ASP A 189 11.45 -8.63 -12.96
CA ASP A 189 12.87 -8.38 -13.22
C ASP A 189 13.03 -7.13 -14.08
N SER A 190 12.16 -6.96 -15.07
CA SER A 190 12.19 -5.79 -15.94
C SER A 190 11.93 -4.52 -15.14
N PHE A 191 10.99 -4.61 -14.21
CA PHE A 191 10.66 -3.47 -13.36
C PHE A 191 11.83 -3.18 -12.42
N LEU A 192 12.33 -4.23 -11.76
CA LEU A 192 13.44 -4.09 -10.84
C LEU A 192 14.65 -3.44 -11.49
N LEU A 193 14.96 -3.90 -12.70
CA LEU A 193 16.10 -3.36 -13.44
C LEU A 193 15.88 -1.89 -13.81
N ALA A 194 14.70 -1.59 -14.34
CA ALA A 194 14.38 -0.20 -14.70
C ALA A 194 14.43 0.68 -13.45
N PHE A 195 13.99 0.12 -12.32
CA PHE A 195 13.95 0.83 -11.05
C PHE A 195 15.37 1.18 -10.60
N GLU A 196 16.24 0.17 -10.57
CA GLU A 196 17.63 0.38 -10.17
C GLU A 196 18.30 1.44 -11.03
N HIS A 197 18.02 1.42 -12.32
CA HIS A 197 18.58 2.39 -13.25
C HIS A 197 18.02 3.79 -13.03
N TYR A 198 16.75 3.87 -12.66
CA TYR A 198 16.15 5.17 -12.40
C TYR A 198 16.82 5.75 -11.16
N ILE A 199 17.15 4.87 -10.21
CA ILE A 199 17.81 5.26 -8.97
C ILE A 199 19.18 5.88 -9.27
N ASN A 200 19.98 5.20 -10.08
CA ASN A 200 21.30 5.69 -10.45
C ASN A 200 21.14 7.07 -11.09
N TYR A 201 20.15 7.18 -11.98
CA TYR A 201 19.86 8.43 -12.65
C TYR A 201 19.54 9.54 -11.64
N ARG A 202 18.75 9.19 -10.61
CA ARG A 202 18.36 10.13 -9.57
C ARG A 202 19.50 10.68 -8.70
N LYS A 203 20.52 9.85 -8.47
CA LYS A 203 21.67 10.25 -7.65
C LYS A 203 21.31 10.66 -6.23
N HIS A 204 20.64 9.77 -5.50
CA HIS A 204 20.26 10.07 -4.13
C HIS A 204 21.52 10.22 -3.28
N HIS A 205 21.52 11.19 -2.38
CA HIS A 205 22.70 11.37 -1.52
C HIS A 205 22.58 10.48 -0.32
N VAL A 206 22.90 9.20 -0.52
CA VAL A 206 22.85 8.23 0.55
C VAL A 206 23.46 6.98 -0.06
N THR A 207 24.39 6.39 0.67
CA THR A 207 25.06 5.20 0.21
C THR A 207 24.18 3.97 0.36
N HIS A 208 24.26 3.07 -0.62
CA HIS A 208 23.46 1.84 -0.60
C HIS A 208 21.96 2.16 -0.55
N PHE A 209 21.54 3.16 -1.31
CA PHE A 209 20.13 3.53 -1.35
C PHE A 209 19.27 2.40 -1.89
N TRP A 210 19.74 1.79 -2.99
CA TRP A 210 19.01 0.70 -3.62
C TRP A 210 18.82 -0.45 -2.63
N PRO A 211 19.90 -0.93 -2.01
CA PRO A 211 19.75 -2.02 -1.05
C PRO A 211 18.77 -1.63 0.05
N LYS A 212 18.81 -0.36 0.47
CA LYS A 212 17.93 0.12 1.51
C LYS A 212 16.48 0.22 1.06
N LEU A 213 16.28 0.53 -0.22
CA LEU A 213 14.94 0.61 -0.77
C LEU A 213 14.34 -0.78 -0.74
N LEU A 214 15.14 -1.78 -1.13
CA LEU A 214 14.69 -3.16 -1.15
C LEU A 214 14.22 -3.66 0.22
N MET A 215 14.77 -3.07 1.28
CA MET A 215 14.36 -3.47 2.60
C MET A 215 12.96 -2.97 2.88
N LYS A 216 12.60 -1.84 2.26
CA LYS A 216 11.26 -1.27 2.45
C LYS A 216 10.22 -2.16 1.76
N VAL A 217 10.61 -2.78 0.65
CA VAL A 217 9.74 -3.69 -0.09
C VAL A 217 9.45 -4.87 0.84
N THR A 218 10.48 -5.35 1.52
CA THR A 218 10.35 -6.45 2.44
C THR A 218 9.40 -6.06 3.59
N ASP A 219 9.53 -4.83 4.10
CA ASP A 219 8.64 -4.38 5.16
C ASP A 219 7.19 -4.43 4.66
N LEU A 220 6.97 -4.04 3.41
CA LEU A 220 5.62 -4.03 2.86
C LEU A 220 5.09 -5.45 2.65
N ARG A 221 5.98 -6.41 2.36
CA ARG A 221 5.54 -7.78 2.17
C ARG A 221 5.07 -8.31 3.52
N MET A 222 5.77 -7.93 4.58
CA MET A 222 5.42 -8.37 5.93
C MET A 222 4.08 -7.79 6.34
N ILE A 223 3.85 -6.52 5.99
CA ILE A 223 2.59 -5.87 6.32
C ILE A 223 1.46 -6.60 5.57
N GLY A 224 1.68 -6.87 4.29
CA GLY A 224 0.68 -7.56 3.49
C GLY A 224 0.23 -8.86 4.11
N ALA A 225 1.19 -9.73 4.42
CA ALA A 225 0.90 -11.03 5.02
C ALA A 225 0.33 -10.91 6.43
N CYS A 226 0.85 -9.99 7.21
CA CYS A 226 0.36 -9.80 8.58
C CYS A 226 -1.09 -9.33 8.55
N HIS A 227 -1.46 -8.62 7.49
CA HIS A 227 -2.83 -8.12 7.36
C HIS A 227 -3.81 -9.25 7.10
N ALA A 228 -3.38 -10.23 6.32
CA ALA A 228 -4.22 -11.37 6.00
C ALA A 228 -4.66 -12.00 7.30
N SER A 229 -3.73 -12.08 8.24
CA SER A 229 -3.99 -12.66 9.55
C SER A 229 -4.93 -11.77 10.38
N ARG A 230 -4.69 -10.47 10.33
CA ARG A 230 -5.51 -9.53 11.07
C ARG A 230 -6.94 -9.49 10.50
N PHE A 231 -7.07 -9.81 9.22
CA PHE A 231 -8.37 -9.83 8.55
C PHE A 231 -9.25 -10.91 9.18
N LEU A 232 -8.67 -12.09 9.39
CA LEU A 232 -9.38 -13.21 9.99
C LEU A 232 -9.89 -12.83 11.37
N HIS A 233 -9.09 -12.04 12.10
CA HIS A 233 -9.50 -11.62 13.42
C HIS A 233 -10.66 -10.66 13.36
N MET A 234 -10.64 -9.76 12.38
CA MET A 234 -11.70 -8.78 12.21
C MET A 234 -13.03 -9.47 11.98
N LYS A 235 -13.03 -10.52 11.16
CA LYS A 235 -14.25 -11.24 10.87
C LYS A 235 -14.83 -11.81 12.15
N VAL A 236 -13.95 -12.14 13.10
CA VAL A 236 -14.39 -12.68 14.37
C VAL A 236 -14.83 -11.60 15.36
N GLU A 237 -14.15 -10.46 15.36
CA GLU A 237 -14.48 -9.36 16.27
C GLU A 237 -15.55 -8.39 15.78
N CYS A 238 -15.79 -8.36 14.47
CA CYS A 238 -16.76 -7.41 13.92
C CYS A 238 -17.95 -8.07 13.23
N PRO A 239 -19.12 -7.41 13.30
CA PRO A 239 -20.35 -7.91 12.69
C PRO A 239 -20.24 -7.93 11.16
N THR A 240 -20.75 -9.01 10.58
CA THR A 240 -20.71 -9.23 9.14
C THR A 240 -21.23 -8.07 8.30
N GLU A 241 -22.08 -7.24 8.88
CA GLU A 241 -22.65 -6.12 8.15
C GLU A 241 -21.69 -4.97 7.86
N LEU A 242 -20.60 -4.88 8.62
CA LEU A 242 -19.64 -3.81 8.40
C LEU A 242 -18.58 -4.16 7.35
N PHE A 243 -18.70 -5.33 6.74
CA PHE A 243 -17.76 -5.78 5.71
C PHE A 243 -18.34 -5.62 4.31
N PRO A 244 -17.85 -4.64 3.53
CA PRO A 244 -18.32 -4.41 2.16
C PRO A 244 -17.96 -5.58 1.26
N PRO A 245 -18.80 -5.87 0.25
CA PRO A 245 -18.49 -7.00 -0.64
C PRO A 245 -17.10 -6.96 -1.28
N LEU A 246 -16.63 -5.78 -1.65
CA LEU A 246 -15.31 -5.67 -2.26
C LEU A 246 -14.24 -6.06 -1.26
N PHE A 247 -14.38 -5.56 -0.03
CA PHE A 247 -13.46 -5.83 1.06
C PHE A 247 -13.32 -7.35 1.27
N LEU A 248 -14.45 -8.05 1.22
CA LEU A 248 -14.45 -9.50 1.39
C LEU A 248 -13.83 -10.20 0.17
N GLU A 249 -14.24 -9.78 -1.02
CA GLU A 249 -13.72 -10.39 -2.24
C GLU A 249 -12.20 -10.32 -2.36
N VAL A 250 -11.61 -9.19 -2.00
CA VAL A 250 -10.17 -9.04 -2.12
C VAL A 250 -9.33 -9.80 -1.09
N PHE A 251 -9.82 -9.92 0.14
CA PHE A 251 -9.05 -10.59 1.19
C PHE A 251 -9.63 -11.92 1.68
N GLU A 252 -10.65 -12.43 0.99
CA GLU A 252 -11.31 -13.68 1.36
C GLU A 252 -10.32 -14.85 1.38
N ASP A 253 -9.71 -15.09 0.32
C1 OEF B . -5.76 2.99 2.60
C2 OEF B . -6.84 -0.29 6.47
C3 OEF B . -7.07 2.84 3.17
C4 OEF B . -7.85 -0.71 7.31
C5 OEF B . -7.25 2.20 4.42
C6 OEF B . -8.37 -2.02 7.37
C7 OEF B . -6.14 1.66 5.20
C8 OEF B . -7.85 -3.04 6.52
C9 OEF B . -4.86 1.84 4.58
C10 OEF B . -6.82 -2.64 5.64
C11 OEF B . -4.68 2.47 3.35
C12 OEF B . -6.34 -1.32 5.63
C13 OEF B . -5.69 3.69 1.29
C14 OEF B . -4.42 4.51 1.03
BR1 OEF B . -9.02 2.05 5.11
C15 OEF B . -9.50 -2.40 8.34
BR2 OEF B . -3.37 1.18 5.50
O2 OEF B . -6.35 1.03 6.46
O1 OEF B . -8.32 -4.33 6.54
C18 OEF B . -4.47 5.19 -0.33
C16 OEF B . -10.79 -2.06 7.56
O3 OEF B . -4.64 4.44 -1.30
O4 OEF B . -4.33 6.40 -0.42
C17 OEF B . -9.41 -1.62 9.67
#